data_1NH6
#
_entry.id   1NH6
#
_cell.length_a   78.100
_cell.length_b   135.230
_cell.length_c   188.070
_cell.angle_alpha   90.00
_cell.angle_beta   90.00
_cell.angle_gamma   90.00
#
_symmetry.space_group_name_H-M   'I 2 2 2'
#
loop_
_entity.id
_entity.type
_entity.pdbx_description
1 polymer 'chitinase A'
2 branched 2-acetamido-2-deoxy-beta-D-glucopyranose-(1-4)-2-acetamido-2-deoxy-beta-D-glucopyranose-(1-4)-2-acetamido-2-deoxy-beta-D-glucopyranose-(1-4)-2-acetamido-2-deoxy-beta-D-glucopyranose-(1-4)-2-acetamido-2-deoxy-beta-D-glucopyranose-(1-4)-2-acetamido-2-deoxy-beta-D-glucopyranose
3 water water
#
_entity_poly.entity_id   1
_entity_poly.type   'polypeptide(L)'
_entity_poly.pdbx_seq_one_letter_code
;AAPGKPTIAWGNTKFAIVEVDQAATAYNNLVKVKNAADVSVSWNLWNGDTGTTAKVLLNGKEAWSGPSTGSSGTANFKVN
KGGRYQMQVALCNADGCTASDATEIVVADTDGSHLAPLKEPLLEKNKPYKQNSGKVVGSYFVEWGVYGRNFTVDKIPAQN
LTHLLYGFIPICGGNGINDSLKEIEGSFQALQRSCQGREDFKVSIHDPFAALQKAQKGVTAWDDPYKGNFGQLMALKQAH
PDLKILPSIGGWTLSDPFFFMGDKVKRDRFVGSVKEFLQTWKFFDGVDIDWLFPGGKGANPNLGSPQDGETYVLLMKELR
AMLDQLSVETGRKYELTSAISAGKDKIDKVAYNVAQNSMDHIFLMSYDFYGAFDLKNLGHQTALNAPAWKPDTAYTTVNG
VNALLAQGVKPGKIVVGTAMYGRGWTGVNGYQNNIPFTGTATGPVKGTWENGIVDYRQIASQFMSGEWQYTYDATAEAPY
VFKPSTGDLITFDDARSVQAKGKYVLDKQLGGLFSWEIDADNGDILNSMNASLGNSAGVQ
;
_entity_poly.pdbx_strand_id   A
#
# COMPACT_ATOMS: atom_id res chain seq x y z
N ALA A 1 -40.88 29.45 32.99
CA ALA A 1 -40.77 28.90 31.60
C ALA A 1 -39.30 28.63 31.24
N ALA A 2 -39.10 27.63 30.39
CA ALA A 2 -37.75 27.26 29.96
C ALA A 2 -37.10 28.43 29.19
N PRO A 3 -35.78 28.39 29.01
CA PRO A 3 -35.06 29.45 28.31
C PRO A 3 -35.42 29.55 26.82
N GLY A 4 -35.04 30.66 26.19
CA GLY A 4 -35.30 30.82 24.77
C GLY A 4 -34.36 29.93 23.98
N LYS A 5 -34.60 29.80 22.67
CA LYS A 5 -33.78 28.96 21.80
C LYS A 5 -32.62 29.75 21.21
N PRO A 6 -31.37 29.35 21.53
CA PRO A 6 -30.18 30.05 21.01
C PRO A 6 -29.79 29.60 19.60
N THR A 7 -28.92 30.37 18.97
CA THR A 7 -28.42 30.05 17.63
C THR A 7 -26.90 29.90 17.70
N ILE A 8 -26.35 29.07 16.83
CA ILE A 8 -24.90 28.83 16.79
C ILE A 8 -24.23 29.96 16.00
N ALA A 9 -23.13 30.51 16.50
CA ALA A 9 -22.44 31.59 15.81
C ALA A 9 -21.41 31.10 14.78
N TRP A 10 -21.14 31.94 13.79
CA TRP A 10 -20.16 31.64 12.75
C TRP A 10 -18.87 31.16 13.40
N GLY A 11 -18.19 30.23 12.74
CA GLY A 11 -16.93 29.73 13.27
C GLY A 11 -16.56 28.38 12.68
N ASN A 12 -15.26 28.11 12.61
CA ASN A 12 -14.77 26.85 12.06
C ASN A 12 -15.39 25.65 12.78
N THR A 13 -15.72 24.62 12.03
CA THR A 13 -16.35 23.42 12.60
C THR A 13 -15.51 22.16 12.36
N LYS A 14 -14.32 22.31 11.79
CA LYS A 14 -13.44 21.17 11.51
C LYS A 14 -12.22 21.11 12.42
N PHE A 15 -12.10 20.01 13.16
CA PHE A 15 -11.00 19.81 14.11
C PHE A 15 -10.35 18.43 13.92
N ALA A 16 -9.23 18.20 14.59
CA ALA A 16 -8.54 16.92 14.45
C ALA A 16 -7.81 16.45 15.71
N ILE A 17 -7.88 15.14 15.94
CA ILE A 17 -7.20 14.52 17.08
C ILE A 17 -5.72 14.40 16.71
N VAL A 18 -5.45 14.07 15.44
CA VAL A 18 -4.08 13.96 14.97
C VAL A 18 -3.91 15.12 13.97
N GLU A 19 -2.99 16.03 14.27
CA GLU A 19 -2.75 17.18 13.41
C GLU A 19 -1.70 16.95 12.33
N VAL A 20 -1.98 17.49 11.16
CA VAL A 20 -1.06 17.39 10.03
C VAL A 20 -0.83 18.78 9.46
N ASP A 21 0.43 19.15 9.29
CA ASP A 21 0.79 20.46 8.74
C ASP A 21 0.80 20.28 7.22
N GLN A 22 -0.21 20.84 6.55
CA GLN A 22 -0.33 20.73 5.10
C GLN A 22 0.74 21.41 4.25
N ALA A 23 1.66 22.12 4.89
CA ALA A 23 2.73 22.80 4.15
C ALA A 23 4.12 22.25 4.50
N ALA A 24 4.17 21.34 5.46
CA ALA A 24 5.45 20.76 5.88
C ALA A 24 6.11 19.83 4.87
N THR A 25 7.44 19.80 4.88
CA THR A 25 8.21 18.94 3.99
C THR A 25 8.98 17.91 4.82
N ALA A 26 9.23 18.24 6.09
CA ALA A 26 9.94 17.34 7.00
C ALA A 26 8.95 16.51 7.80
N TYR A 27 9.16 15.19 7.86
CA TYR A 27 8.27 14.30 8.58
C TYR A 27 8.08 14.69 10.06
N ASN A 28 9.15 15.14 10.71
CA ASN A 28 9.07 15.53 12.11
C ASN A 28 8.18 16.75 12.36
N ASN A 29 7.91 17.52 11.30
CA ASN A 29 7.05 18.72 11.41
C ASN A 29 5.69 18.44 10.78
N LEU A 30 5.57 17.31 10.10
CA LEU A 30 4.35 16.95 9.39
C LEU A 30 3.16 16.51 10.21
N VAL A 31 3.40 15.72 11.26
CA VAL A 31 2.30 15.19 12.06
C VAL A 31 2.50 15.28 13.56
N LYS A 32 1.40 15.46 14.29
CA LYS A 32 1.42 15.55 15.74
C LYS A 32 0.20 14.85 16.34
N VAL A 33 0.44 13.78 17.09
CA VAL A 33 -0.64 13.03 17.72
C VAL A 33 -1.02 13.62 19.07
N LYS A 34 -2.31 13.83 19.29
CA LYS A 34 -2.82 14.36 20.55
C LYS A 34 -3.79 13.35 21.13
N ASN A 35 -4.14 13.49 22.39
CA ASN A 35 -5.08 12.57 23.01
C ASN A 35 -6.50 12.98 22.64
N ALA A 36 -6.68 14.24 22.26
CA ALA A 36 -8.00 14.72 21.89
C ALA A 36 -7.96 16.01 21.08
N ALA A 37 -9.08 16.33 20.46
CA ALA A 37 -9.18 17.55 19.68
C ALA A 37 -9.79 18.62 20.58
N ASP A 38 -9.31 19.85 20.43
CA ASP A 38 -9.82 20.97 21.21
C ASP A 38 -10.89 21.67 20.38
N VAL A 39 -12.15 21.44 20.76
CA VAL A 39 -13.28 22.02 20.06
C VAL A 39 -13.79 23.27 20.76
N SER A 40 -14.27 24.21 19.97
CA SER A 40 -14.82 25.45 20.50
C SER A 40 -16.14 25.77 19.80
N VAL A 41 -17.09 26.30 20.56
CA VAL A 41 -18.41 26.66 20.03
C VAL A 41 -18.92 27.94 20.69
N SER A 42 -19.54 28.81 19.90
CA SER A 42 -20.11 30.06 20.42
C SER A 42 -21.58 30.16 20.03
N TRP A 43 -22.37 30.87 20.84
CA TRP A 43 -23.79 31.01 20.57
C TRP A 43 -24.33 32.39 20.92
N ASN A 44 -25.57 32.63 20.47
CA ASN A 44 -26.26 33.88 20.71
C ASN A 44 -27.71 33.59 21.07
N LEU A 45 -28.29 34.46 21.89
CA LEU A 45 -29.70 34.36 22.26
C LEU A 45 -30.24 35.78 22.12
N TRP A 46 -30.94 36.05 21.03
CA TRP A 46 -31.48 37.38 20.80
C TRP A 46 -32.77 37.64 21.55
N ASN A 47 -33.59 36.60 21.72
CA ASN A 47 -34.85 36.77 22.45
C ASN A 47 -35.15 35.71 23.49
N GLY A 48 -35.55 36.17 24.68
CA GLY A 48 -35.90 35.25 25.75
C GLY A 48 -34.90 35.12 26.87
N ASP A 49 -35.31 34.37 27.89
CA ASP A 49 -34.51 34.10 29.08
C ASP A 49 -33.32 33.25 28.63
N THR A 50 -32.14 33.56 29.14
CA THR A 50 -30.95 32.81 28.78
C THR A 50 -30.67 31.61 29.70
N GLY A 51 -31.55 31.37 30.67
CA GLY A 51 -31.36 30.25 31.57
C GLY A 51 -30.26 30.46 32.60
N THR A 52 -29.88 29.40 33.29
CA THR A 52 -28.82 29.48 34.30
C THR A 52 -27.64 28.56 34.02
N THR A 53 -27.87 27.54 33.20
CA THR A 53 -26.80 26.62 32.83
C THR A 53 -26.79 26.41 31.31
N ALA A 54 -25.60 26.45 30.71
CA ALA A 54 -25.45 26.24 29.28
C ALA A 54 -24.75 24.90 29.09
N LYS A 55 -25.19 24.13 28.10
CA LYS A 55 -24.60 22.83 27.82
C LYS A 55 -24.35 22.62 26.33
N VAL A 56 -23.30 21.87 26.02
CA VAL A 56 -23.00 21.53 24.62
C VAL A 56 -23.35 20.05 24.50
N LEU A 57 -24.16 19.70 23.51
CA LEU A 57 -24.55 18.33 23.28
C LEU A 57 -23.98 17.81 21.96
N LEU A 58 -23.47 16.58 21.98
CA LEU A 58 -22.93 15.93 20.79
C LEU A 58 -23.80 14.69 20.60
N ASN A 59 -24.57 14.67 19.52
CA ASN A 59 -25.48 13.57 19.26
C ASN A 59 -26.36 13.36 20.49
N GLY A 60 -26.72 14.47 21.13
CA GLY A 60 -27.59 14.42 22.30
C GLY A 60 -26.92 14.12 23.63
N LYS A 61 -25.61 13.90 23.62
CA LYS A 61 -24.88 13.60 24.86
C LYS A 61 -24.10 14.82 25.33
N GLU A 62 -24.20 15.12 26.63
CA GLU A 62 -23.51 16.28 27.19
C GLU A 62 -22.00 16.15 27.08
N ALA A 63 -21.36 17.19 26.55
CA ALA A 63 -19.91 17.20 26.41
C ALA A 63 -19.28 18.36 27.18
N TRP A 64 -20.11 19.29 27.63
CA TRP A 64 -19.65 20.48 28.36
C TRP A 64 -20.85 21.14 29.04
N SER A 65 -20.59 21.84 30.14
CA SER A 65 -21.64 22.56 30.84
C SER A 65 -21.00 23.68 31.66
N GLY A 66 -21.75 24.75 31.86
CA GLY A 66 -21.25 25.87 32.63
C GLY A 66 -22.35 26.88 32.87
N PRO A 67 -22.13 27.88 33.73
CA PRO A 67 -23.13 28.90 34.02
C PRO A 67 -23.47 29.73 32.77
N SER A 68 -24.75 29.99 32.56
CA SER A 68 -25.19 30.81 31.42
C SER A 68 -25.27 32.24 31.94
N THR A 69 -24.36 33.09 31.50
CA THR A 69 -24.31 34.47 31.98
C THR A 69 -24.84 35.60 31.10
N GLY A 70 -25.26 35.30 29.89
CA GLY A 70 -25.77 36.39 29.06
C GLY A 70 -26.39 35.95 27.75
N SER A 71 -26.60 36.91 26.85
CA SER A 71 -27.19 36.62 25.54
C SER A 71 -26.21 35.99 24.56
N SER A 72 -24.98 35.76 25.01
CA SER A 72 -23.96 35.14 24.16
C SER A 72 -22.95 34.39 25.02
N GLY A 73 -22.30 33.38 24.44
CA GLY A 73 -21.33 32.61 25.19
C GLY A 73 -20.40 31.78 24.31
N THR A 74 -19.37 31.22 24.93
CA THR A 74 -18.39 30.39 24.24
C THR A 74 -18.00 29.21 25.14
N ALA A 75 -17.81 28.05 24.52
CA ALA A 75 -17.42 26.84 25.24
C ALA A 75 -16.23 26.18 24.58
N ASN A 76 -15.25 25.77 25.38
CA ASN A 76 -14.06 25.10 24.88
C ASN A 76 -14.03 23.73 25.56
N PHE A 77 -13.95 22.66 24.77
CA PHE A 77 -13.94 21.32 25.32
C PHE A 77 -13.20 20.32 24.44
N LYS A 78 -12.88 19.16 25.01
CA LYS A 78 -12.14 18.13 24.29
C LYS A 78 -13.01 16.99 23.79
N VAL A 79 -12.65 16.47 22.62
CA VAL A 79 -13.35 15.34 22.02
C VAL A 79 -12.26 14.32 21.68
N ASN A 80 -12.31 13.16 22.32
CA ASN A 80 -11.28 12.14 22.12
C ASN A 80 -11.64 11.00 21.17
N LYS A 81 -12.74 11.15 20.43
CA LYS A 81 -13.14 10.11 19.50
C LYS A 81 -13.53 10.74 18.16
N GLY A 82 -12.91 10.26 17.09
CA GLY A 82 -13.20 10.81 15.77
C GLY A 82 -14.61 10.54 15.30
N GLY A 83 -15.09 11.37 14.38
CA GLY A 83 -16.44 11.22 13.84
C GLY A 83 -17.06 12.53 13.42
N ARG A 84 -18.28 12.46 12.90
CA ARG A 84 -19.03 13.63 12.49
C ARG A 84 -20.18 13.71 13.49
N TYR A 85 -20.23 14.81 14.25
CA TYR A 85 -21.25 14.96 15.29
C TYR A 85 -22.30 16.04 15.05
N GLN A 86 -23.51 15.77 15.52
CA GLN A 86 -24.60 16.73 15.45
C GLN A 86 -24.51 17.49 16.77
N MET A 87 -23.98 18.69 16.71
CA MET A 87 -23.78 19.51 17.90
C MET A 87 -24.87 20.56 18.13
N GLN A 88 -25.27 20.69 19.39
CA GLN A 88 -26.29 21.65 19.80
C GLN A 88 -25.88 22.36 21.09
N VAL A 89 -26.39 23.57 21.27
CA VAL A 89 -26.16 24.33 22.48
C VAL A 89 -27.53 24.35 23.14
N ALA A 90 -27.59 23.93 24.41
CA ALA A 90 -28.85 23.94 25.13
C ALA A 90 -28.76 24.89 26.33
N LEU A 91 -29.82 25.66 26.55
CA LEU A 91 -29.88 26.58 27.67
C LEU A 91 -30.92 25.99 28.62
N CYS A 92 -30.56 25.87 29.89
CA CYS A 92 -31.45 25.28 30.87
C CYS A 92 -31.66 26.10 32.15
N ASN A 93 -32.78 25.85 32.79
CA ASN A 93 -33.12 26.45 34.08
C ASN A 93 -34.06 25.47 34.77
N ALA A 94 -34.50 25.79 35.98
CA ALA A 94 -35.38 24.90 36.73
C ALA A 94 -36.59 24.42 35.93
N ASP A 95 -37.10 25.26 35.03
CA ASP A 95 -38.27 24.89 34.23
C ASP A 95 -38.01 24.04 32.99
N GLY A 96 -36.73 23.77 32.69
CA GLY A 96 -36.45 22.95 31.53
C GLY A 96 -35.27 23.41 30.68
N CYS A 97 -35.00 22.66 29.62
CA CYS A 97 -33.91 22.96 28.69
C CYS A 97 -34.44 23.23 27.28
N THR A 98 -33.76 24.12 26.57
CA THR A 98 -34.14 24.49 25.21
C THR A 98 -32.89 24.37 24.33
N ALA A 99 -32.93 23.45 23.36
CA ALA A 99 -31.79 23.23 22.48
C ALA A 99 -31.86 23.92 21.13
N SER A 100 -30.71 24.41 20.67
CA SER A 100 -30.61 25.08 19.36
C SER A 100 -30.74 24.03 18.28
N ASP A 101 -30.80 24.48 17.02
CA ASP A 101 -30.83 23.55 15.89
C ASP A 101 -29.39 23.02 15.86
N ALA A 102 -29.17 21.88 15.21
CA ALA A 102 -27.83 21.30 15.16
C ALA A 102 -26.90 21.78 14.05
N THR A 103 -25.62 21.89 14.40
CA THR A 103 -24.55 22.27 13.48
C THR A 103 -23.61 21.07 13.48
N GLU A 104 -23.23 20.61 12.31
CA GLU A 104 -22.33 19.45 12.24
C GLU A 104 -20.88 19.85 12.50
N ILE A 105 -20.21 19.12 13.39
CA ILE A 105 -18.81 19.39 13.65
C ILE A 105 -18.07 18.10 13.29
N VAL A 106 -16.86 18.24 12.76
CA VAL A 106 -16.07 17.09 12.34
C VAL A 106 -14.78 16.99 13.14
N VAL A 107 -14.56 15.82 13.75
CA VAL A 107 -13.37 15.56 14.54
C VAL A 107 -12.64 14.45 13.82
N ALA A 108 -11.56 14.81 13.14
CA ALA A 108 -10.79 13.84 12.37
C ALA A 108 -9.79 13.01 13.17
N ASP A 109 -9.62 11.76 12.75
CA ASP A 109 -8.65 10.84 13.35
C ASP A 109 -8.16 9.94 12.22
N THR A 110 -6.94 9.44 12.33
CA THR A 110 -6.34 8.64 11.27
C THR A 110 -6.92 7.26 10.95
N ASP A 111 -8.05 6.91 11.55
CA ASP A 111 -8.68 5.65 11.23
C ASP A 111 -9.73 5.91 10.15
N GLY A 112 -9.93 7.20 9.83
CA GLY A 112 -10.90 7.59 8.82
C GLY A 112 -12.33 7.65 9.33
N SER A 113 -12.50 7.67 10.65
CA SER A 113 -13.82 7.71 11.28
C SER A 113 -14.65 8.96 10.97
N HIS A 114 -14.01 10.01 10.47
CA HIS A 114 -14.71 11.26 10.14
C HIS A 114 -15.09 11.32 8.66
N LEU A 115 -14.65 10.33 7.90
CA LEU A 115 -14.92 10.34 6.46
C LEU A 115 -16.03 9.44 5.98
N ALA A 116 -16.73 9.90 4.94
CA ALA A 116 -17.79 9.12 4.33
C ALA A 116 -17.02 8.04 3.54
N PRO A 117 -17.61 6.85 3.38
CA PRO A 117 -16.94 5.77 2.66
C PRO A 117 -16.58 6.12 1.21
N LEU A 118 -15.36 5.77 0.81
CA LEU A 118 -14.93 6.00 -0.57
C LEU A 118 -15.32 4.76 -1.36
N LYS A 119 -16.53 4.77 -1.90
CA LYS A 119 -17.04 3.63 -2.66
C LYS A 119 -17.22 4.03 -4.13
N GLU A 120 -16.21 3.71 -4.94
CA GLU A 120 -16.21 4.07 -6.35
C GLU A 120 -16.57 2.93 -7.29
N PRO A 121 -17.23 3.26 -8.42
CA PRO A 121 -17.62 2.25 -9.42
C PRO A 121 -16.37 1.67 -10.07
N LEU A 122 -16.46 0.42 -10.51
CA LEU A 122 -15.34 -0.24 -11.17
C LEU A 122 -15.10 0.43 -12.52
N LEU A 123 -13.84 0.58 -12.88
CA LEU A 123 -13.47 1.23 -14.14
C LEU A 123 -12.89 0.26 -15.17
N GLU A 124 -12.71 0.75 -16.39
CA GLU A 124 -12.17 -0.05 -17.50
C GLU A 124 -12.83 -1.43 -17.61
N LYS A 125 -12.03 -2.49 -17.64
CA LYS A 125 -12.55 -3.84 -17.76
C LYS A 125 -12.81 -4.61 -16.46
N ASN A 126 -12.60 -3.97 -15.32
CA ASN A 126 -12.81 -4.62 -14.03
C ASN A 126 -14.25 -5.08 -13.81
N LYS A 127 -14.44 -6.30 -13.32
CA LYS A 127 -15.76 -6.86 -13.04
C LYS A 127 -15.83 -7.21 -11.54
N PRO A 128 -17.01 -7.07 -10.92
CA PRO A 128 -17.18 -7.36 -9.51
C PRO A 128 -17.04 -8.83 -9.10
N TYR A 129 -16.34 -9.05 -7.98
CA TYR A 129 -16.12 -10.39 -7.43
C TYR A 129 -16.29 -10.37 -5.92
N LYS A 130 -16.80 -11.47 -5.37
CA LYS A 130 -16.98 -11.61 -3.93
C LYS A 130 -15.75 -12.32 -3.40
N GLN A 131 -15.25 -11.88 -2.25
CA GLN A 131 -14.06 -12.50 -1.66
C GLN A 131 -14.50 -13.65 -0.76
N ASN A 132 -14.94 -14.74 -1.36
CA ASN A 132 -15.38 -15.90 -0.59
C ASN A 132 -14.56 -17.17 -0.82
N SER A 133 -13.41 -17.02 -1.46
CA SER A 133 -12.54 -18.17 -1.72
C SER A 133 -11.71 -18.50 -0.50
N GLY A 134 -11.48 -17.49 0.34
CA GLY A 134 -10.66 -17.69 1.52
C GLY A 134 -9.19 -17.58 1.17
N LYS A 135 -8.90 -17.23 -0.08
CA LYS A 135 -7.52 -17.09 -0.56
C LYS A 135 -7.13 -15.63 -0.67
N VAL A 136 -5.84 -15.36 -0.56
CA VAL A 136 -5.32 -14.00 -0.65
C VAL A 136 -5.37 -13.47 -2.08
N VAL A 137 -5.80 -12.22 -2.22
CA VAL A 137 -5.84 -11.55 -3.53
C VAL A 137 -5.29 -10.16 -3.24
N GLY A 138 -4.00 -9.96 -3.54
CA GLY A 138 -3.39 -8.66 -3.25
C GLY A 138 -2.77 -7.94 -4.43
N SER A 139 -2.44 -6.66 -4.21
CA SER A 139 -1.82 -5.85 -5.24
C SER A 139 -1.11 -4.68 -4.58
N TYR A 140 -0.08 -4.16 -5.26
CA TYR A 140 0.68 -3.03 -4.75
C TYR A 140 0.26 -1.73 -5.43
N PHE A 141 0.04 -0.69 -4.64
CA PHE A 141 -0.31 0.63 -5.15
C PHE A 141 0.95 1.47 -4.87
N VAL A 142 1.41 2.22 -5.87
CA VAL A 142 2.62 3.01 -5.66
C VAL A 142 2.35 4.50 -5.42
N GLU A 143 3.02 5.03 -4.40
CA GLU A 143 2.88 6.42 -3.97
C GLU A 143 3.12 7.44 -5.08
N TRP A 144 4.15 7.22 -5.89
CA TRP A 144 4.50 8.13 -6.98
C TRP A 144 3.62 7.99 -8.22
N GLY A 145 2.71 7.01 -8.21
CA GLY A 145 1.83 6.82 -9.37
C GLY A 145 0.80 7.92 -9.60
N VAL A 146 0.66 8.83 -8.65
CA VAL A 146 -0.31 9.91 -8.76
C VAL A 146 0.20 11.03 -9.66
N TYR A 147 1.46 10.92 -10.09
CA TYR A 147 2.04 11.93 -10.97
C TYR A 147 1.97 11.46 -12.41
N GLY A 148 3.12 11.10 -12.98
CA GLY A 148 3.18 10.65 -14.36
C GLY A 148 2.14 9.60 -14.76
N ARG A 149 2.02 8.53 -13.98
CA ARG A 149 1.07 7.46 -14.29
C ARG A 149 -0.39 7.85 -14.06
N ASN A 150 -0.60 8.98 -13.37
CA ASN A 150 -1.93 9.50 -13.08
C ASN A 150 -2.96 8.49 -12.56
N PHE A 151 -2.55 7.67 -11.60
CA PHE A 151 -3.44 6.66 -11.04
C PHE A 151 -3.57 6.89 -9.53
N THR A 152 -4.78 7.20 -9.08
CA THR A 152 -5.06 7.50 -7.68
C THR A 152 -5.87 6.41 -6.96
N VAL A 153 -5.92 6.50 -5.63
CA VAL A 153 -6.63 5.50 -4.82
C VAL A 153 -8.09 5.27 -5.23
N ASP A 154 -8.77 6.31 -5.71
CA ASP A 154 -10.16 6.15 -6.12
C ASP A 154 -10.31 5.28 -7.36
N LYS A 155 -9.20 5.04 -8.06
CA LYS A 155 -9.23 4.20 -9.27
C LYS A 155 -8.95 2.72 -8.97
N ILE A 156 -8.64 2.42 -7.72
CA ILE A 156 -8.37 1.03 -7.32
C ILE A 156 -9.68 0.24 -7.24
N PRO A 157 -9.73 -0.94 -7.87
CA PRO A 157 -10.96 -1.76 -7.81
C PRO A 157 -10.88 -2.53 -6.49
N ALA A 158 -10.94 -1.78 -5.39
CA ALA A 158 -10.81 -2.30 -4.03
C ALA A 158 -11.67 -3.48 -3.60
N GLN A 159 -12.88 -3.61 -4.13
CA GLN A 159 -13.74 -4.73 -3.74
C GLN A 159 -13.19 -6.07 -4.23
N ASN A 160 -12.27 -6.02 -5.20
CA ASN A 160 -11.68 -7.24 -5.75
C ASN A 160 -10.33 -7.60 -5.14
N LEU A 161 -10.07 -7.13 -3.92
CA LEU A 161 -8.81 -7.42 -3.25
C LEU A 161 -9.06 -7.75 -1.78
N THR A 162 -8.13 -8.50 -1.19
CA THR A 162 -8.22 -8.82 0.23
C THR A 162 -7.07 -8.08 0.92
N HIS A 163 -6.01 -7.81 0.17
CA HIS A 163 -4.83 -7.11 0.68
C HIS A 163 -4.37 -6.01 -0.29
N LEU A 164 -4.15 -4.81 0.23
CA LEU A 164 -3.68 -3.68 -0.58
C LEU A 164 -2.37 -3.20 0.06
N LEU A 165 -1.27 -3.30 -0.67
CA LEU A 165 0.02 -2.89 -0.13
C LEU A 165 0.50 -1.55 -0.71
N TYR A 166 1.01 -0.69 0.16
CA TYR A 166 1.46 0.66 -0.20
C TYR A 166 2.98 0.74 -0.37
N GLY A 167 3.43 0.91 -1.61
CA GLY A 167 4.85 1.01 -1.87
C GLY A 167 5.26 2.41 -2.27
N PHE A 168 6.30 2.97 -1.65
CA PHE A 168 7.08 2.31 -0.59
C PHE A 168 7.36 3.28 0.54
N ILE A 169 7.48 2.75 1.76
CA ILE A 169 7.80 3.54 2.93
C ILE A 169 9.33 3.46 3.03
N PRO A 170 10.00 4.62 3.13
CA PRO A 170 11.47 4.62 3.22
C PRO A 170 12.04 4.58 4.63
N ILE A 171 13.35 4.36 4.71
CA ILE A 171 14.08 4.35 5.97
C ILE A 171 15.07 5.52 5.83
N CYS A 172 15.05 6.44 6.79
CA CYS A 172 15.93 7.62 6.75
C CYS A 172 17.42 7.30 6.65
N GLY A 173 18.14 8.13 5.91
CA GLY A 173 19.57 7.93 5.75
C GLY A 173 20.14 8.62 4.51
N GLY A 174 21.31 9.21 4.66
CA GLY A 174 21.95 9.92 3.57
C GLY A 174 23.03 9.15 2.82
N ASN A 175 24.14 9.82 2.51
CA ASN A 175 25.23 9.19 1.76
C ASN A 175 25.69 7.87 2.39
N GLY A 176 25.81 6.84 1.54
CA GLY A 176 26.23 5.55 2.02
C GLY A 176 25.12 4.69 2.61
N ILE A 177 23.96 5.31 2.87
CA ILE A 177 22.83 4.59 3.45
C ILE A 177 21.67 4.36 2.46
N ASN A 178 21.48 5.30 1.55
CA ASN A 178 20.43 5.19 0.53
C ASN A 178 20.96 5.56 -0.86
N ASP A 179 22.22 5.23 -1.13
CA ASP A 179 22.83 5.55 -2.42
C ASP A 179 22.03 5.06 -3.62
N SER A 180 21.35 3.93 -3.47
CA SER A 180 20.56 3.38 -4.57
C SER A 180 19.48 4.33 -5.10
N LEU A 181 19.02 5.27 -4.27
CA LEU A 181 17.99 6.23 -4.69
C LEU A 181 18.52 7.26 -5.68
N LYS A 182 19.83 7.47 -5.69
CA LYS A 182 20.45 8.47 -6.56
C LYS A 182 20.30 8.23 -8.07
N GLU A 183 19.75 7.08 -8.45
CA GLU A 183 19.58 6.80 -9.88
C GLU A 183 18.28 7.38 -10.43
N ILE A 184 17.41 7.85 -9.55
CA ILE A 184 16.14 8.45 -9.98
C ILE A 184 16.16 9.94 -9.66
N GLU A 185 15.81 10.75 -10.66
CA GLU A 185 15.81 12.21 -10.52
C GLU A 185 15.12 12.73 -9.28
N GLY A 186 15.89 13.44 -8.45
CA GLY A 186 15.36 14.04 -7.24
C GLY A 186 14.83 13.12 -6.16
N SER A 187 14.98 11.81 -6.34
CA SER A 187 14.48 10.87 -5.34
C SER A 187 15.28 10.89 -4.05
N PHE A 188 16.61 10.88 -4.17
CA PHE A 188 17.48 10.90 -3.00
C PHE A 188 17.24 12.21 -2.24
N GLN A 189 17.17 13.31 -2.99
CA GLN A 189 16.96 14.63 -2.41
C GLN A 189 15.62 14.73 -1.67
N ALA A 190 14.58 14.12 -2.22
CA ALA A 190 13.26 14.16 -1.59
C ALA A 190 13.29 13.49 -0.22
N LEU A 191 13.99 12.36 -0.13
CA LEU A 191 14.09 11.64 1.14
C LEU A 191 14.84 12.48 2.18
N GLN A 192 15.91 13.14 1.77
CA GLN A 192 16.67 13.95 2.73
C GLN A 192 15.80 15.07 3.29
N ARG A 193 14.98 15.66 2.43
CA ARG A 193 14.06 16.73 2.79
C ARG A 193 13.08 16.19 3.83
N SER A 194 12.54 15.01 3.56
CA SER A 194 11.58 14.37 4.46
C SER A 194 12.20 14.00 5.81
N CYS A 195 13.46 13.55 5.76
CA CYS A 195 14.15 13.13 6.98
C CYS A 195 14.94 14.22 7.69
N GLN A 196 14.72 15.47 7.28
CA GLN A 196 15.41 16.61 7.88
C GLN A 196 15.16 16.67 9.39
N GLY A 197 16.23 16.57 10.16
CA GLY A 197 16.12 16.61 11.61
C GLY A 197 15.71 15.29 12.25
N ARG A 198 15.53 14.26 11.43
CA ARG A 198 15.14 12.94 11.91
C ARG A 198 16.32 11.97 11.92
N GLU A 199 16.37 11.08 12.92
CA GLU A 199 17.46 10.12 13.05
C GLU A 199 17.50 9.08 11.93
N ASP A 200 18.70 8.75 11.48
CA ASP A 200 18.88 7.75 10.44
C ASP A 200 18.34 6.41 10.95
N PHE A 201 17.87 5.59 10.01
CA PHE A 201 17.33 4.27 10.28
C PHE A 201 15.92 4.22 10.88
N LYS A 202 15.29 5.38 10.99
CA LYS A 202 13.91 5.45 11.45
C LYS A 202 13.13 5.52 10.12
N VAL A 203 11.89 5.03 10.11
CA VAL A 203 11.10 5.12 8.88
C VAL A 203 10.53 6.52 8.74
N SER A 204 10.01 6.83 7.56
CA SER A 204 9.44 8.15 7.29
C SER A 204 8.49 8.00 6.10
N ILE A 205 8.12 9.12 5.50
CA ILE A 205 7.27 9.11 4.32
C ILE A 205 8.10 9.77 3.23
N HIS A 206 8.27 9.06 2.13
CA HIS A 206 9.10 9.54 1.02
C HIS A 206 8.59 10.85 0.39
N ASP A 207 7.31 10.89 0.06
CA ASP A 207 6.73 12.08 -0.58
C ASP A 207 5.51 12.56 0.21
N PRO A 208 5.72 13.43 1.22
CA PRO A 208 4.63 13.95 2.04
C PRO A 208 3.51 14.59 1.24
N PHE A 209 3.85 15.26 0.14
CA PHE A 209 2.81 15.90 -0.66
C PHE A 209 1.87 14.86 -1.26
N ALA A 210 2.43 13.85 -1.91
CA ALA A 210 1.62 12.81 -2.52
C ALA A 210 0.86 12.02 -1.46
N ALA A 211 1.51 11.76 -0.33
CA ALA A 211 0.88 10.98 0.73
C ALA A 211 -0.20 11.66 1.56
N LEU A 212 -0.05 12.95 1.84
CA LEU A 212 -0.99 13.64 2.70
C LEU A 212 -1.55 15.01 2.32
N GLN A 213 -0.99 15.66 1.30
CA GLN A 213 -1.42 17.01 0.96
C GLN A 213 -2.06 17.28 -0.41
N LYS A 214 -1.81 16.42 -1.39
CA LYS A 214 -2.39 16.63 -2.72
C LYS A 214 -3.88 16.36 -2.73
N ALA A 215 -4.66 17.30 -3.28
CA ALA A 215 -6.11 17.16 -3.34
C ALA A 215 -6.49 15.94 -4.17
N GLN A 216 -7.38 15.10 -3.63
CA GLN A 216 -7.85 13.89 -4.32
C GLN A 216 -9.33 13.71 -4.00
N LYS A 217 -10.04 12.97 -4.86
CA LYS A 217 -11.47 12.74 -4.68
C LYS A 217 -11.83 12.27 -3.26
N GLY A 218 -12.77 12.97 -2.63
CA GLY A 218 -13.20 12.61 -1.28
C GLY A 218 -12.52 13.43 -0.20
N VAL A 219 -11.33 13.92 -0.50
CA VAL A 219 -10.55 14.74 0.42
C VAL A 219 -10.00 15.88 -0.44
N THR A 220 -10.90 16.70 -0.94
CA THR A 220 -10.53 17.79 -1.83
C THR A 220 -10.70 19.21 -1.25
N ALA A 221 -11.27 19.33 -0.06
CA ALA A 221 -11.48 20.65 0.56
C ALA A 221 -10.14 21.29 0.89
N TRP A 222 -10.05 22.62 0.71
CA TRP A 222 -8.79 23.31 0.98
C TRP A 222 -8.36 23.13 2.42
N ASP A 223 -9.33 22.92 3.31
CA ASP A 223 -9.02 22.76 4.72
C ASP A 223 -9.21 21.35 5.30
N ASP A 224 -9.25 20.32 4.46
CA ASP A 224 -9.38 18.96 4.96
C ASP A 224 -8.03 18.62 5.62
N PRO A 225 -8.05 17.97 6.79
CA PRO A 225 -6.81 17.61 7.49
C PRO A 225 -5.93 16.55 6.85
N TYR A 226 -6.54 15.51 6.27
CA TYR A 226 -5.75 14.44 5.63
C TYR A 226 -6.16 14.31 4.16
N LYS A 227 -5.23 14.59 3.26
CA LYS A 227 -5.52 14.46 1.84
C LYS A 227 -4.57 13.45 1.21
N GLY A 228 -4.31 13.60 -0.08
CA GLY A 228 -3.41 12.69 -0.76
C GLY A 228 -3.80 11.21 -0.63
N ASN A 229 -2.82 10.33 -0.82
CA ASN A 229 -3.05 8.89 -0.74
C ASN A 229 -3.58 8.42 0.62
N PHE A 230 -2.98 8.90 1.71
CA PHE A 230 -3.41 8.49 3.06
C PHE A 230 -4.85 8.88 3.35
N GLY A 231 -5.23 10.10 2.96
CA GLY A 231 -6.60 10.54 3.18
C GLY A 231 -7.58 9.63 2.48
N GLN A 232 -7.28 9.26 1.24
CA GLN A 232 -8.17 8.38 0.48
C GLN A 232 -8.17 6.96 1.05
N LEU A 233 -7.00 6.45 1.47
CA LEU A 233 -6.93 5.10 2.03
C LEU A 233 -7.78 5.01 3.30
N MET A 234 -7.84 6.10 4.05
CA MET A 234 -8.65 6.16 5.27
C MET A 234 -10.13 6.00 4.91
N ALA A 235 -10.55 6.70 3.86
CA ALA A 235 -11.93 6.65 3.41
C ALA A 235 -12.22 5.27 2.81
N LEU A 236 -11.20 4.66 2.21
CA LEU A 236 -11.34 3.35 1.61
C LEU A 236 -11.61 2.30 2.70
N LYS A 237 -10.98 2.46 3.86
CA LYS A 237 -11.18 1.55 4.98
C LYS A 237 -12.64 1.62 5.44
N GLN A 238 -13.21 2.82 5.41
CA GLN A 238 -14.60 2.99 5.83
C GLN A 238 -15.52 2.24 4.89
N ALA A 239 -15.14 2.17 3.62
CA ALA A 239 -15.93 1.46 2.62
C ALA A 239 -15.66 -0.05 2.64
N HIS A 240 -14.47 -0.43 3.09
CA HIS A 240 -14.10 -1.84 3.14
C HIS A 240 -13.36 -2.18 4.43
N PRO A 241 -14.11 -2.34 5.53
CA PRO A 241 -13.54 -2.65 6.84
C PRO A 241 -12.66 -3.90 6.88
N ASP A 242 -12.98 -4.89 6.04
CA ASP A 242 -12.21 -6.14 6.03
C ASP A 242 -10.98 -6.14 5.13
N LEU A 243 -10.79 -5.07 4.36
CA LEU A 243 -9.63 -4.99 3.48
C LEU A 243 -8.38 -4.73 4.33
N LYS A 244 -7.33 -5.52 4.11
CA LYS A 244 -6.09 -5.33 4.86
C LYS A 244 -5.23 -4.32 4.09
N ILE A 245 -4.90 -3.19 4.71
CA ILE A 245 -4.07 -2.19 4.05
C ILE A 245 -2.72 -2.18 4.76
N LEU A 246 -1.66 -2.55 4.04
CA LEU A 246 -0.33 -2.63 4.63
C LEU A 246 0.73 -1.70 4.03
N PRO A 247 1.58 -1.12 4.89
CA PRO A 247 2.65 -0.23 4.46
C PRO A 247 3.85 -1.12 4.13
N SER A 248 4.39 -0.97 2.92
CA SER A 248 5.52 -1.79 2.52
C SER A 248 6.82 -0.98 2.59
N ILE A 249 7.74 -1.46 3.41
CA ILE A 249 9.03 -0.81 3.61
C ILE A 249 10.12 -1.44 2.75
N GLY A 250 10.80 -0.60 1.96
CA GLY A 250 11.86 -1.11 1.13
C GLY A 250 11.63 -1.01 -0.37
N GLY A 251 11.78 -2.14 -1.04
CA GLY A 251 11.63 -2.16 -2.49
C GLY A 251 13.01 -2.10 -3.12
N TRP A 252 13.07 -2.11 -4.44
CA TRP A 252 14.35 -2.09 -5.15
C TRP A 252 15.30 -0.95 -4.81
N THR A 253 14.79 0.28 -4.77
CA THR A 253 15.62 1.44 -4.50
C THR A 253 15.72 1.90 -3.06
N LEU A 254 14.98 1.26 -2.16
CA LEU A 254 15.00 1.67 -0.74
C LEU A 254 15.43 0.57 0.24
N SER A 255 16.13 -0.44 -0.26
CA SER A 255 16.57 -1.56 0.59
C SER A 255 17.95 -1.42 1.24
N ASP A 256 18.78 -0.50 0.76
CA ASP A 256 20.12 -0.32 1.31
C ASP A 256 20.22 -0.27 2.84
N PRO A 257 19.32 0.47 3.51
CA PRO A 257 19.40 0.52 4.97
C PRO A 257 19.30 -0.80 5.74
N PHE A 258 18.56 -1.77 5.22
CA PHE A 258 18.42 -3.07 5.88
C PHE A 258 19.77 -3.76 6.12
N PHE A 259 20.72 -3.54 5.21
CA PHE A 259 22.05 -4.14 5.29
C PHE A 259 22.89 -3.75 6.49
N PHE A 260 22.45 -2.72 7.23
CA PHE A 260 23.18 -2.25 8.40
C PHE A 260 22.52 -2.72 9.71
N MET A 261 21.35 -3.31 9.60
CA MET A 261 20.60 -3.74 10.78
C MET A 261 21.14 -4.94 11.53
N GLY A 262 22.35 -5.36 11.20
CA GLY A 262 22.96 -6.46 11.92
C GLY A 262 23.29 -5.86 13.27
N ASP A 263 23.40 -4.52 13.28
CA ASP A 263 23.67 -3.76 14.48
C ASP A 263 22.35 -3.58 15.23
N LYS A 264 22.23 -4.27 16.37
CA LYS A 264 21.02 -4.24 17.19
C LYS A 264 20.54 -2.82 17.52
N VAL A 265 21.48 -1.90 17.69
CA VAL A 265 21.13 -0.51 18.01
C VAL A 265 20.25 0.10 16.91
N LYS A 266 20.67 -0.09 15.66
CA LYS A 266 19.93 0.42 14.52
C LYS A 266 18.61 -0.33 14.34
N ARG A 267 18.67 -1.65 14.51
CA ARG A 267 17.47 -2.46 14.35
C ARG A 267 16.40 -2.10 15.38
N ASP A 268 16.82 -1.85 16.61
CA ASP A 268 15.86 -1.48 17.66
C ASP A 268 15.22 -0.13 17.34
N ARG A 269 16.02 0.81 16.85
CA ARG A 269 15.51 2.13 16.49
C ARG A 269 14.48 1.99 15.39
N PHE A 270 14.77 1.13 14.42
CA PHE A 270 13.87 0.88 13.29
C PHE A 270 12.53 0.32 13.76
N VAL A 271 12.58 -0.78 14.50
CA VAL A 271 11.37 -1.41 15.02
C VAL A 271 10.56 -0.44 15.86
N GLY A 272 11.25 0.39 16.63
CA GLY A 272 10.57 1.37 17.45
C GLY A 272 9.82 2.40 16.62
N SER A 273 10.44 2.87 15.54
CA SER A 273 9.80 3.87 14.69
C SER A 273 8.60 3.28 13.96
N VAL A 274 8.65 1.97 13.67
CA VAL A 274 7.52 1.33 12.98
C VAL A 274 6.31 1.31 13.93
N LYS A 275 6.55 1.00 15.20
CA LYS A 275 5.46 0.96 16.18
C LYS A 275 4.78 2.32 16.29
N GLU A 276 5.59 3.37 16.42
CA GLU A 276 5.06 4.72 16.54
C GLU A 276 4.32 5.12 15.26
N PHE A 277 4.80 4.64 14.13
CA PHE A 277 4.18 4.92 12.83
C PHE A 277 2.77 4.32 12.79
N LEU A 278 2.65 3.07 13.23
CA LEU A 278 1.36 2.39 13.24
C LEU A 278 0.40 3.02 14.25
N GLN A 279 0.94 3.56 15.34
CA GLN A 279 0.10 4.20 16.34
C GLN A 279 -0.39 5.53 15.81
N THR A 280 0.36 6.12 14.88
CA THR A 280 0.03 7.41 14.28
C THR A 280 -0.96 7.31 13.12
N TRP A 281 -0.71 6.35 12.23
CA TRP A 281 -1.58 6.14 11.08
C TRP A 281 -2.38 4.86 11.30
N LYS A 282 -3.51 5.01 12.00
CA LYS A 282 -4.37 3.90 12.38
C LYS A 282 -5.01 3.04 11.29
N PHE A 283 -5.13 3.58 10.08
CA PHE A 283 -5.75 2.80 9.01
C PHE A 283 -4.88 1.65 8.50
N PHE A 284 -3.59 1.63 8.87
CA PHE A 284 -2.69 0.55 8.46
C PHE A 284 -2.89 -0.67 9.37
N ASP A 285 -2.85 -1.87 8.80
CA ASP A 285 -3.09 -3.11 9.54
C ASP A 285 -1.87 -3.99 9.85
N GLY A 286 -0.68 -3.41 9.83
CA GLY A 286 0.51 -4.18 10.12
C GLY A 286 1.69 -3.62 9.33
N VAL A 287 2.58 -4.50 8.87
CA VAL A 287 3.73 -4.05 8.11
C VAL A 287 4.26 -5.12 7.16
N ASP A 288 4.73 -4.67 6.00
CA ASP A 288 5.29 -5.57 4.99
C ASP A 288 6.75 -5.18 4.79
N ILE A 289 7.64 -6.16 4.93
CA ILE A 289 9.08 -5.93 4.77
C ILE A 289 9.58 -6.40 3.41
N ASP A 290 10.04 -5.46 2.59
CA ASP A 290 10.53 -5.79 1.26
C ASP A 290 12.03 -5.50 1.15
N TRP A 291 12.83 -6.37 1.75
CA TRP A 291 14.30 -6.26 1.74
C TRP A 291 14.82 -6.99 0.50
N LEU A 292 15.33 -6.22 -0.46
CA LEU A 292 15.87 -6.82 -1.69
C LEU A 292 17.38 -6.60 -1.80
N PHE A 293 18.19 -7.58 -1.41
CA PHE A 293 17.77 -8.88 -0.87
C PHE A 293 18.80 -9.28 0.19
N PRO A 294 18.42 -10.12 1.16
CA PRO A 294 19.42 -10.52 2.15
C PRO A 294 20.54 -11.22 1.40
N GLY A 295 21.79 -10.83 1.66
CA GLY A 295 22.90 -11.44 0.96
C GLY A 295 23.43 -10.63 -0.21
N GLY A 296 22.69 -9.59 -0.60
CA GLY A 296 23.13 -8.75 -1.70
C GLY A 296 22.46 -9.04 -3.03
N LYS A 297 23.10 -8.59 -4.11
CA LYS A 297 22.57 -8.78 -5.46
C LYS A 297 21.40 -7.84 -5.72
N GLY A 298 21.19 -6.89 -4.82
CA GLY A 298 20.11 -5.93 -5.00
C GLY A 298 20.61 -4.79 -5.88
N ALA A 299 20.05 -3.60 -5.70
CA ALA A 299 20.45 -2.45 -6.51
C ALA A 299 21.87 -1.97 -6.20
N ASN A 300 22.30 -2.13 -4.96
CA ASN A 300 23.64 -1.68 -4.55
C ASN A 300 24.66 -2.82 -4.64
N PRO A 301 25.60 -2.73 -5.58
CA PRO A 301 26.63 -3.77 -5.76
C PRO A 301 27.64 -3.85 -4.62
N ASN A 302 27.62 -2.88 -3.71
CA ASN A 302 28.57 -2.87 -2.60
C ASN A 302 28.01 -3.33 -1.25
N LEU A 303 26.82 -3.91 -1.25
CA LEU A 303 26.22 -4.37 0.00
C LEU A 303 25.81 -5.84 -0.05
N GLY A 304 25.67 -6.43 1.13
CA GLY A 304 25.29 -7.83 1.23
C GLY A 304 26.36 -8.67 1.90
N SER A 305 25.96 -9.45 2.89
CA SER A 305 26.90 -10.30 3.60
C SER A 305 26.24 -11.59 4.08
N PRO A 306 27.05 -12.57 4.47
CA PRO A 306 26.57 -13.87 4.95
C PRO A 306 25.77 -13.74 6.24
N GLN A 307 25.87 -12.59 6.90
CA GLN A 307 25.15 -12.34 8.15
C GLN A 307 23.67 -11.99 7.91
N ASP A 308 23.36 -11.53 6.71
CA ASP A 308 21.99 -11.11 6.37
C ASP A 308 20.87 -12.09 6.70
N GLY A 309 21.11 -13.38 6.46
CA GLY A 309 20.09 -14.37 6.76
C GLY A 309 19.64 -14.34 8.21
N GLU A 310 20.61 -14.29 9.12
CA GLU A 310 20.31 -14.24 10.55
C GLU A 310 19.61 -12.94 10.93
N THR A 311 20.09 -11.83 10.38
CA THR A 311 19.51 -10.52 10.65
C THR A 311 18.02 -10.49 10.25
N TYR A 312 17.71 -11.09 9.11
CA TYR A 312 16.33 -11.13 8.62
C TYR A 312 15.43 -11.87 9.61
N VAL A 313 15.83 -13.08 10.01
CA VAL A 313 15.03 -13.85 10.95
C VAL A 313 14.90 -13.09 12.27
N LEU A 314 15.98 -12.46 12.72
CA LEU A 314 15.93 -11.69 13.95
C LEU A 314 14.95 -10.53 13.81
N LEU A 315 15.02 -9.83 12.69
CA LEU A 315 14.13 -8.71 12.41
C LEU A 315 12.65 -9.10 12.47
N MET A 316 12.29 -10.17 11.77
CA MET A 316 10.89 -10.60 11.76
C MET A 316 10.39 -11.00 13.15
N LYS A 317 11.24 -11.67 13.93
CA LYS A 317 10.84 -12.07 15.28
C LYS A 317 10.61 -10.84 16.13
N GLU A 318 11.50 -9.86 16.00
CA GLU A 318 11.40 -8.63 16.76
C GLU A 318 10.17 -7.79 16.38
N LEU A 319 9.84 -7.77 15.08
CA LEU A 319 8.68 -7.02 14.63
C LEU A 319 7.40 -7.68 15.16
N ARG A 320 7.38 -9.00 15.16
CA ARG A 320 6.21 -9.74 15.67
C ARG A 320 6.03 -9.49 17.16
N ALA A 321 7.14 -9.37 17.89
CA ALA A 321 7.06 -9.10 19.33
C ALA A 321 6.48 -7.71 19.55
N MET A 322 6.94 -6.76 18.73
CA MET A 322 6.47 -5.38 18.84
C MET A 322 4.97 -5.30 18.50
N LEU A 323 4.54 -6.05 17.50
CA LEU A 323 3.13 -6.06 17.10
C LEU A 323 2.25 -6.71 18.17
N ASP A 324 2.79 -7.68 18.89
CA ASP A 324 2.03 -8.34 19.96
C ASP A 324 1.79 -7.32 21.06
N GLN A 325 2.82 -6.56 21.38
CA GLN A 325 2.74 -5.53 22.42
C GLN A 325 1.72 -4.48 21.99
N LEU A 326 1.73 -4.14 20.71
CA LEU A 326 0.79 -3.14 20.21
C LEU A 326 -0.64 -3.68 20.33
N SER A 327 -0.81 -4.98 20.02
CA SER A 327 -2.13 -5.61 20.10
C SER A 327 -2.73 -5.57 21.49
N VAL A 328 -1.90 -5.76 22.52
CA VAL A 328 -2.40 -5.74 23.88
C VAL A 328 -2.78 -4.31 24.26
N GLU A 329 -2.23 -3.35 23.52
CA GLU A 329 -2.50 -1.95 23.77
C GLU A 329 -3.77 -1.46 23.07
N THR A 330 -3.95 -1.84 21.81
CA THR A 330 -5.11 -1.41 21.04
C THR A 330 -6.22 -2.44 20.92
N GLY A 331 -5.89 -3.70 21.13
CA GLY A 331 -6.89 -4.75 21.02
C GLY A 331 -7.12 -5.19 19.59
N ARG A 332 -6.34 -4.63 18.66
CA ARG A 332 -6.47 -4.96 17.24
C ARG A 332 -5.51 -6.07 16.83
N LYS A 333 -5.73 -6.64 15.65
CA LYS A 333 -4.87 -7.69 15.12
C LYS A 333 -4.03 -7.11 13.98
N TYR A 334 -2.74 -7.42 14.00
CA TYR A 334 -1.81 -6.91 12.99
C TYR A 334 -1.10 -8.01 12.20
N GLU A 335 -0.90 -7.79 10.91
CA GLU A 335 -0.21 -8.76 10.05
C GLU A 335 1.25 -8.36 9.84
N LEU A 336 2.11 -9.36 9.62
CA LEU A 336 3.53 -9.15 9.35
C LEU A 336 3.82 -10.01 8.12
N THR A 337 4.18 -9.36 7.03
CA THR A 337 4.45 -10.06 5.79
C THR A 337 5.75 -9.59 5.17
N SER A 338 6.12 -10.20 4.05
CA SER A 338 7.34 -9.84 3.37
C SER A 338 7.33 -10.28 1.91
N ALA A 339 7.87 -9.44 1.04
CA ALA A 339 7.97 -9.77 -0.38
C ALA A 339 9.42 -10.24 -0.56
N ILE A 340 9.61 -11.39 -1.19
CA ILE A 340 10.95 -11.94 -1.36
C ILE A 340 11.27 -12.38 -2.79
N SER A 341 12.57 -12.56 -3.05
CA SER A 341 13.05 -13.01 -4.34
C SER A 341 12.54 -14.43 -4.59
N ALA A 342 12.26 -14.77 -5.85
CA ALA A 342 11.78 -16.08 -6.21
C ALA A 342 12.92 -16.96 -6.74
N GLY A 343 14.12 -16.40 -6.78
CA GLY A 343 15.27 -17.16 -7.24
C GLY A 343 15.81 -18.05 -6.14
N LYS A 344 16.00 -19.34 -6.44
CA LYS A 344 16.49 -20.28 -5.44
C LYS A 344 17.81 -19.85 -4.79
N ASP A 345 18.73 -19.30 -5.58
CA ASP A 345 20.02 -18.88 -5.05
C ASP A 345 19.88 -17.81 -3.97
N LYS A 346 18.80 -17.04 -4.00
CA LYS A 346 18.58 -16.02 -2.99
C LYS A 346 17.75 -16.58 -1.84
N ILE A 347 16.76 -17.40 -2.16
CA ILE A 347 15.90 -17.99 -1.14
C ILE A 347 16.67 -18.80 -0.11
N ASP A 348 17.69 -19.53 -0.56
CA ASP A 348 18.47 -20.35 0.35
C ASP A 348 19.40 -19.57 1.27
N LYS A 349 19.49 -18.26 1.08
CA LYS A 349 20.33 -17.44 1.94
C LYS A 349 19.57 -17.12 3.22
N VAL A 350 18.30 -17.52 3.25
CA VAL A 350 17.44 -17.26 4.40
C VAL A 350 16.70 -18.52 4.85
N ALA A 351 16.53 -18.66 6.16
CA ALA A 351 15.81 -19.80 6.73
C ALA A 351 14.35 -19.42 6.92
N TYR A 352 13.59 -19.42 5.82
CA TYR A 352 12.18 -19.07 5.87
C TYR A 352 11.35 -20.05 6.69
N ASN A 353 11.82 -21.29 6.79
CA ASN A 353 11.09 -22.29 7.57
C ASN A 353 11.02 -21.85 9.03
N VAL A 354 11.91 -20.96 9.43
CA VAL A 354 11.93 -20.44 10.79
C VAL A 354 11.20 -19.10 10.87
N ALA A 355 11.55 -18.19 9.98
CA ALA A 355 10.94 -16.86 9.93
C ALA A 355 9.43 -16.92 9.75
N GLN A 356 8.94 -17.93 9.05
CA GLN A 356 7.51 -18.09 8.80
C GLN A 356 6.67 -18.15 10.07
N ASN A 357 7.30 -18.49 11.20
CA ASN A 357 6.58 -18.59 12.47
C ASN A 357 6.06 -17.25 13.01
N SER A 358 6.61 -16.14 12.55
CA SER A 358 6.13 -14.85 13.01
C SER A 358 5.45 -14.07 11.87
N MET A 359 5.33 -14.73 10.72
CA MET A 359 4.74 -14.11 9.53
C MET A 359 3.36 -14.67 9.15
N ASP A 360 2.55 -13.81 8.52
CA ASP A 360 1.22 -14.19 8.08
C ASP A 360 1.28 -14.63 6.62
N HIS A 361 2.06 -13.91 5.81
CA HIS A 361 2.17 -14.22 4.40
C HIS A 361 3.57 -13.99 3.85
N ILE A 362 3.90 -14.73 2.80
CA ILE A 362 5.17 -14.59 2.12
C ILE A 362 4.81 -14.29 0.66
N PHE A 363 5.09 -13.07 0.22
CA PHE A 363 4.79 -12.67 -1.15
C PHE A 363 5.95 -13.02 -2.06
N LEU A 364 5.86 -14.19 -2.68
CA LEU A 364 6.89 -14.69 -3.58
C LEU A 364 6.88 -13.93 -4.90
N MET A 365 7.89 -13.11 -5.13
CA MET A 365 7.95 -12.32 -6.36
C MET A 365 8.35 -13.14 -7.57
N SER A 366 7.42 -13.98 -8.02
CA SER A 366 7.64 -14.84 -9.18
C SER A 366 7.48 -14.09 -10.50
N TYR A 367 8.36 -13.10 -10.69
CA TYR A 367 8.39 -12.32 -11.91
C TYR A 367 9.80 -11.73 -12.02
N ASP A 368 10.07 -11.01 -13.10
CA ASP A 368 11.40 -10.43 -13.34
C ASP A 368 12.48 -11.53 -13.46
N PHE A 369 12.08 -12.70 -13.95
CA PHE A 369 13.02 -13.81 -14.13
C PHE A 369 14.00 -13.47 -15.25
N TYR A 370 13.52 -12.70 -16.21
CA TYR A 370 14.32 -12.26 -17.35
C TYR A 370 13.93 -10.83 -17.70
N GLY A 371 14.74 -10.17 -18.50
CA GLY A 371 14.43 -8.79 -18.85
C GLY A 371 15.60 -8.06 -19.49
N ALA A 372 15.38 -6.81 -19.85
CA ALA A 372 16.41 -6.00 -20.50
C ALA A 372 17.70 -5.86 -19.69
N PHE A 373 17.68 -6.25 -18.42
CA PHE A 373 18.88 -6.16 -17.61
C PHE A 373 19.94 -7.16 -18.08
N ASP A 374 19.52 -8.09 -18.94
CA ASP A 374 20.42 -9.10 -19.50
C ASP A 374 20.04 -9.24 -20.98
N LEU A 375 20.88 -8.71 -21.86
CA LEU A 375 20.60 -8.76 -23.30
C LEU A 375 21.06 -10.02 -24.01
N LYS A 376 21.74 -10.92 -23.29
CA LYS A 376 22.24 -12.15 -23.88
C LYS A 376 21.43 -13.40 -23.59
N ASN A 377 20.92 -13.52 -22.37
CA ASN A 377 20.14 -14.68 -21.98
C ASN A 377 18.66 -14.33 -21.80
N LEU A 378 17.89 -14.47 -22.87
CA LEU A 378 16.46 -14.14 -22.88
C LEU A 378 15.56 -15.28 -22.40
N GLY A 379 14.33 -14.93 -21.98
CA GLY A 379 13.39 -15.94 -21.51
C GLY A 379 12.10 -15.35 -20.95
N HIS A 380 11.17 -16.22 -20.51
CA HIS A 380 9.89 -15.78 -19.95
C HIS A 380 10.12 -15.14 -18.58
N GLN A 381 9.69 -13.90 -18.41
CA GLN A 381 9.90 -13.18 -17.14
C GLN A 381 9.04 -13.61 -15.95
N THR A 382 7.88 -14.23 -16.20
CA THR A 382 7.02 -14.62 -15.09
C THR A 382 6.27 -15.95 -15.28
N ALA A 383 6.84 -16.83 -16.09
CA ALA A 383 6.24 -18.14 -16.39
C ALA A 383 6.11 -19.07 -15.18
N LEU A 384 5.17 -20.01 -15.29
CA LEU A 384 4.94 -20.99 -14.23
C LEU A 384 5.96 -22.11 -14.34
N ASN A 385 6.19 -22.61 -15.56
CA ASN A 385 7.14 -23.70 -15.78
C ASN A 385 8.21 -23.31 -16.79
N ALA A 386 9.18 -24.20 -16.98
CA ALA A 386 10.25 -23.97 -17.94
C ALA A 386 9.69 -24.23 -19.34
N PRO A 387 10.30 -23.62 -20.37
CA PRO A 387 9.84 -23.80 -21.76
C PRO A 387 10.36 -25.12 -22.35
N ALA A 388 9.70 -25.59 -23.39
CA ALA A 388 10.08 -26.84 -24.05
C ALA A 388 11.48 -26.82 -24.66
N TRP A 389 11.98 -25.64 -25.01
CA TRP A 389 13.30 -25.53 -25.62
C TRP A 389 14.43 -25.47 -24.59
N LYS A 390 14.08 -25.50 -23.32
CA LYS A 390 15.08 -25.47 -22.25
C LYS A 390 14.44 -25.88 -20.94
N PRO A 391 14.10 -27.17 -20.81
CA PRO A 391 13.47 -27.73 -19.61
C PRO A 391 14.25 -27.54 -18.31
N ASP A 392 15.51 -27.16 -18.43
CA ASP A 392 16.35 -26.96 -17.24
C ASP A 392 16.44 -25.49 -16.82
N THR A 393 15.54 -24.65 -17.34
CA THR A 393 15.53 -23.23 -16.99
C THR A 393 15.52 -23.10 -15.47
N ALA A 394 16.44 -22.31 -14.93
CA ALA A 394 16.55 -22.12 -13.50
C ALA A 394 15.45 -21.26 -12.87
N TYR A 395 15.12 -20.14 -13.50
CA TYR A 395 14.12 -19.24 -12.94
C TYR A 395 12.68 -19.39 -13.43
N THR A 396 11.88 -20.07 -12.62
CA THR A 396 10.46 -20.30 -12.92
C THR A 396 9.69 -20.19 -11.61
N THR A 397 8.37 -20.08 -11.69
CA THR A 397 7.53 -19.97 -10.50
C THR A 397 7.63 -21.24 -9.66
N VAL A 398 7.47 -22.39 -10.31
CA VAL A 398 7.52 -23.67 -9.62
C VAL A 398 8.85 -23.86 -8.87
N ASN A 399 9.96 -23.45 -9.47
CA ASN A 399 11.25 -23.61 -8.79
C ASN A 399 11.31 -22.77 -7.53
N GLY A 400 10.73 -21.58 -7.59
CA GLY A 400 10.72 -20.72 -6.42
C GLY A 400 9.92 -21.35 -5.30
N VAL A 401 8.72 -21.83 -5.64
CA VAL A 401 7.86 -22.46 -4.65
C VAL A 401 8.52 -23.70 -4.06
N ASN A 402 9.06 -24.57 -4.91
CA ASN A 402 9.71 -25.78 -4.44
C ASN A 402 10.85 -25.47 -3.45
N ALA A 403 11.62 -24.43 -3.75
CA ALA A 403 12.72 -24.06 -2.88
C ALA A 403 12.21 -23.77 -1.46
N LEU A 404 11.11 -23.03 -1.36
CA LEU A 404 10.53 -22.71 -0.05
C LEU A 404 10.01 -23.97 0.65
N LEU A 405 9.24 -24.78 -0.08
CA LEU A 405 8.67 -26.00 0.49
C LEU A 405 9.79 -26.90 1.00
N ALA A 406 10.85 -27.04 0.22
CA ALA A 406 11.99 -27.88 0.57
C ALA A 406 12.59 -27.48 1.91
N GLN A 407 12.50 -26.20 2.27
CA GLN A 407 13.04 -25.71 3.53
C GLN A 407 12.16 -26.10 4.71
N GLY A 408 10.86 -26.26 4.44
CA GLY A 408 9.93 -26.60 5.49
C GLY A 408 8.83 -25.55 5.61
N VAL A 409 8.79 -24.61 4.67
CA VAL A 409 7.78 -23.56 4.71
C VAL A 409 6.40 -24.17 4.42
N LYS A 410 5.40 -23.81 5.21
CA LYS A 410 4.06 -24.32 5.03
C LYS A 410 3.46 -23.73 3.75
N PRO A 411 2.89 -24.58 2.89
CA PRO A 411 2.30 -24.13 1.64
C PRO A 411 1.31 -22.98 1.80
N GLY A 412 0.55 -23.00 2.89
CA GLY A 412 -0.44 -21.97 3.13
C GLY A 412 0.10 -20.57 3.35
N LYS A 413 1.41 -20.44 3.56
CA LYS A 413 2.04 -19.14 3.79
C LYS A 413 2.48 -18.50 2.47
N ILE A 414 2.62 -19.32 1.44
CA ILE A 414 3.10 -18.84 0.14
C ILE A 414 2.06 -18.24 -0.79
N VAL A 415 2.29 -16.98 -1.18
CA VAL A 415 1.40 -16.26 -2.10
C VAL A 415 2.19 -16.03 -3.40
N VAL A 416 1.67 -16.58 -4.49
CA VAL A 416 2.31 -16.48 -5.81
C VAL A 416 2.08 -15.14 -6.52
N GLY A 417 3.13 -14.62 -7.15
CA GLY A 417 3.04 -13.34 -7.82
C GLY A 417 2.75 -13.35 -9.32
N THR A 418 1.98 -12.35 -9.74
CA THR A 418 1.62 -12.18 -11.15
C THR A 418 2.12 -10.80 -11.55
N ALA A 419 2.40 -10.61 -12.83
CA ALA A 419 2.89 -9.32 -13.32
C ALA A 419 1.83 -8.60 -14.15
N MET A 420 1.62 -7.32 -13.83
CA MET A 420 0.66 -6.50 -14.56
C MET A 420 1.41 -5.61 -15.54
N TYR A 421 2.59 -6.07 -15.94
CA TYR A 421 3.44 -5.34 -16.88
C TYR A 421 4.28 -6.36 -17.62
N GLY A 422 4.84 -5.94 -18.74
CA GLY A 422 5.69 -6.82 -19.50
C GLY A 422 7.07 -6.22 -19.57
N ARG A 423 8.07 -7.08 -19.78
CA ARG A 423 9.45 -6.64 -19.93
C ARG A 423 9.80 -6.97 -21.37
N GLY A 424 10.57 -6.11 -22.02
CA GLY A 424 10.91 -6.37 -23.40
C GLY A 424 12.30 -5.95 -23.85
N TRP A 425 12.68 -6.46 -25.01
CA TRP A 425 13.98 -6.18 -25.63
C TRP A 425 13.70 -5.67 -27.04
N THR A 426 14.70 -5.05 -27.66
CA THR A 426 14.56 -4.57 -29.02
C THR A 426 15.73 -5.10 -29.84
N GLY A 427 15.53 -5.22 -31.15
CA GLY A 427 16.57 -5.72 -32.02
C GLY A 427 17.00 -7.16 -31.78
N VAL A 428 16.11 -7.98 -31.25
CA VAL A 428 16.42 -9.39 -31.01
C VAL A 428 16.81 -10.02 -32.34
N ASN A 429 17.84 -10.88 -32.31
CA ASN A 429 18.30 -11.52 -33.54
C ASN A 429 19.09 -12.78 -33.27
N GLY A 430 19.40 -13.51 -34.34
CA GLY A 430 20.16 -14.74 -34.22
C GLY A 430 19.47 -15.83 -33.43
N TYR A 431 18.15 -15.96 -33.61
CA TYR A 431 17.40 -16.99 -32.91
C TYR A 431 17.14 -18.20 -33.80
N GLN A 432 16.92 -19.35 -33.16
CA GLN A 432 16.68 -20.60 -33.89
C GLN A 432 15.25 -21.11 -33.76
N ASN A 433 14.83 -21.89 -34.77
CA ASN A 433 13.51 -22.50 -34.82
C ASN A 433 12.33 -21.59 -34.46
N ASN A 434 12.35 -20.37 -34.97
CA ASN A 434 11.30 -19.40 -34.73
C ASN A 434 10.99 -19.14 -33.25
N ILE A 435 11.98 -19.34 -32.39
CA ILE A 435 11.82 -19.09 -30.96
C ILE A 435 12.72 -17.89 -30.64
N PRO A 436 12.16 -16.67 -30.68
CA PRO A 436 12.90 -15.43 -30.40
C PRO A 436 13.79 -15.46 -29.16
N PHE A 437 13.33 -16.16 -28.13
CA PHE A 437 14.07 -16.27 -26.86
C PHE A 437 15.45 -16.93 -26.95
N THR A 438 15.76 -17.54 -28.10
CA THR A 438 17.05 -18.21 -28.27
C THR A 438 18.16 -17.30 -28.79
N GLY A 439 17.80 -16.11 -29.26
CA GLY A 439 18.80 -15.19 -29.78
C GLY A 439 19.31 -14.21 -28.73
N THR A 440 19.72 -13.03 -29.18
CA THR A 440 20.22 -11.99 -28.29
C THR A 440 19.63 -10.65 -28.73
N ALA A 441 19.60 -9.67 -27.82
CA ALA A 441 19.04 -8.36 -28.14
C ALA A 441 20.11 -7.28 -28.17
N THR A 442 19.73 -6.08 -28.63
CA THR A 442 20.67 -4.97 -28.71
C THR A 442 20.32 -3.87 -27.71
N GLY A 443 19.18 -4.02 -27.03
CA GLY A 443 18.77 -3.03 -26.05
C GLY A 443 17.38 -3.31 -25.51
N PRO A 444 16.82 -2.38 -24.72
CA PRO A 444 15.48 -2.55 -24.13
C PRO A 444 14.40 -2.06 -25.09
N VAL A 445 13.19 -2.61 -24.95
CA VAL A 445 12.09 -2.20 -25.81
C VAL A 445 11.67 -0.83 -25.29
N LYS A 446 11.05 -0.03 -26.15
CA LYS A 446 10.58 1.28 -25.73
C LYS A 446 9.47 1.05 -24.70
N GLY A 447 9.59 1.68 -23.53
CA GLY A 447 8.60 1.47 -22.49
C GLY A 447 7.48 2.50 -22.38
N THR A 448 6.50 2.20 -21.54
CA THR A 448 5.36 3.08 -21.33
C THR A 448 5.80 4.29 -20.51
N TRP A 449 6.51 4.05 -19.41
CA TRP A 449 6.98 5.11 -18.55
C TRP A 449 8.50 5.10 -18.38
N GLU A 450 9.11 3.93 -18.50
CA GLU A 450 10.55 3.77 -18.37
C GLU A 450 11.03 2.65 -19.31
N ASN A 451 12.30 2.71 -19.70
CA ASN A 451 12.87 1.72 -20.60
C ASN A 451 12.70 0.26 -20.19
N GLY A 452 12.41 -0.57 -21.19
CA GLY A 452 12.27 -2.00 -20.97
C GLY A 452 11.04 -2.49 -20.23
N ILE A 453 10.09 -1.60 -19.93
CA ILE A 453 8.88 -1.98 -19.21
C ILE A 453 7.63 -1.44 -19.90
N VAL A 454 6.61 -2.29 -20.03
CA VAL A 454 5.36 -1.89 -20.67
C VAL A 454 4.14 -2.32 -19.85
N ASP A 455 3.26 -1.39 -19.55
CA ASP A 455 2.04 -1.69 -18.79
C ASP A 455 1.22 -2.72 -19.55
N TYR A 456 0.58 -3.64 -18.85
CA TYR A 456 -0.26 -4.62 -19.51
C TYR A 456 -1.31 -3.88 -20.33
N ARG A 457 -1.83 -2.79 -19.77
CA ARG A 457 -2.85 -1.98 -20.46
C ARG A 457 -2.39 -1.60 -21.87
N GLN A 458 -1.13 -1.18 -21.99
CA GLN A 458 -0.60 -0.78 -23.29
C GLN A 458 -0.35 -1.98 -24.22
N ILE A 459 0.08 -3.10 -23.65
CA ILE A 459 0.31 -4.29 -24.45
C ILE A 459 -0.99 -4.72 -25.12
N ALA A 460 -2.06 -4.74 -24.34
CA ALA A 460 -3.39 -5.14 -24.82
C ALA A 460 -3.99 -4.23 -25.89
N SER A 461 -3.75 -2.93 -25.78
CA SER A 461 -4.33 -1.99 -26.76
C SER A 461 -3.42 -1.60 -27.92
N GLN A 462 -2.11 -1.73 -27.76
CA GLN A 462 -1.19 -1.35 -28.83
C GLN A 462 -0.44 -2.47 -29.53
N PHE A 463 -0.10 -3.53 -28.79
CA PHE A 463 0.67 -4.62 -29.37
C PHE A 463 -0.07 -5.93 -29.61
N MET A 464 -1.35 -5.83 -29.93
CA MET A 464 -2.18 -7.00 -30.19
C MET A 464 -2.73 -6.92 -31.61
N SER A 465 -2.02 -6.21 -32.48
CA SER A 465 -2.44 -6.07 -33.86
C SER A 465 -1.28 -5.63 -34.74
N GLY A 466 -1.57 -5.34 -36.01
CA GLY A 466 -0.53 -4.91 -36.93
C GLY A 466 0.46 -6.03 -37.23
N GLU A 467 1.75 -5.71 -37.11
CA GLU A 467 2.81 -6.67 -37.38
C GLU A 467 3.13 -7.55 -36.17
N TRP A 468 2.53 -7.23 -35.02
CA TRP A 468 2.80 -8.00 -33.81
C TRP A 468 2.26 -9.42 -33.80
N GLN A 469 3.16 -10.37 -33.60
CA GLN A 469 2.79 -11.77 -33.53
C GLN A 469 2.47 -12.08 -32.07
N TYR A 470 1.49 -12.94 -31.83
CA TYR A 470 1.14 -13.32 -30.46
C TYR A 470 1.25 -14.83 -30.31
N THR A 471 1.83 -15.27 -29.21
CA THR A 471 2.00 -16.70 -28.97
C THR A 471 1.80 -17.04 -27.50
N TYR A 472 1.10 -18.14 -27.23
CA TYR A 472 0.91 -18.56 -25.85
C TYR A 472 1.65 -19.88 -25.69
N ASP A 473 2.69 -19.86 -24.85
CA ASP A 473 3.49 -21.04 -24.58
C ASP A 473 2.74 -21.86 -23.53
N ALA A 474 2.14 -22.96 -23.96
CA ALA A 474 1.35 -23.81 -23.06
C ALA A 474 2.21 -24.69 -22.15
N THR A 475 3.49 -24.85 -22.49
CA THR A 475 4.38 -25.66 -21.66
C THR A 475 4.80 -24.85 -20.44
N ALA A 476 5.23 -23.63 -20.69
CA ALA A 476 5.67 -22.74 -19.61
C ALA A 476 4.51 -21.95 -19.01
N GLU A 477 3.41 -21.84 -19.76
CA GLU A 477 2.23 -21.07 -19.35
C GLU A 477 2.65 -19.61 -19.33
N ALA A 478 2.90 -19.06 -20.51
CA ALA A 478 3.34 -17.69 -20.65
C ALA A 478 3.17 -17.16 -22.06
N PRO A 479 2.52 -15.99 -22.20
CA PRO A 479 2.31 -15.40 -23.52
C PRO A 479 3.44 -14.44 -23.88
N TYR A 480 3.54 -14.10 -25.16
CA TYR A 480 4.56 -13.17 -25.61
C TYR A 480 4.28 -12.65 -27.01
N VAL A 481 4.59 -11.38 -27.24
CA VAL A 481 4.39 -10.75 -28.55
C VAL A 481 5.74 -10.44 -29.17
N PHE A 482 5.83 -10.52 -30.50
CA PHE A 482 7.08 -10.27 -31.21
C PHE A 482 6.86 -9.56 -32.54
N LYS A 483 7.70 -8.56 -32.79
CA LYS A 483 7.65 -7.80 -34.04
C LYS A 483 8.95 -8.06 -34.80
N PRO A 484 8.92 -9.02 -35.73
CA PRO A 484 10.06 -9.43 -36.56
C PRO A 484 10.90 -8.31 -37.18
N SER A 485 10.23 -7.37 -37.84
CA SER A 485 10.91 -6.26 -38.49
C SER A 485 11.90 -5.49 -37.61
N THR A 486 11.48 -5.16 -36.39
CA THR A 486 12.32 -4.41 -35.47
C THR A 486 12.97 -5.26 -34.39
N GLY A 487 12.53 -6.50 -34.25
CA GLY A 487 13.10 -7.37 -33.24
C GLY A 487 12.61 -7.09 -31.83
N ASP A 488 11.44 -6.48 -31.71
CA ASP A 488 10.89 -6.17 -30.38
C ASP A 488 10.19 -7.40 -29.81
N LEU A 489 10.63 -7.81 -28.62
CA LEU A 489 10.08 -8.98 -27.93
C LEU A 489 9.59 -8.59 -26.54
N ILE A 490 8.35 -8.93 -26.22
CA ILE A 490 7.78 -8.60 -24.91
C ILE A 490 7.20 -9.83 -24.20
N THR A 491 7.66 -10.05 -22.97
CA THR A 491 7.19 -11.17 -22.14
C THR A 491 6.35 -10.62 -21.00
N PHE A 492 5.17 -11.19 -20.80
CA PHE A 492 4.24 -10.72 -19.78
C PHE A 492 3.30 -11.82 -19.28
N ASP A 493 2.31 -11.40 -18.49
CA ASP A 493 1.29 -12.31 -17.94
C ASP A 493 -0.05 -11.90 -18.57
N ASP A 494 -0.87 -12.86 -18.94
CA ASP A 494 -2.19 -12.52 -19.49
C ASP A 494 -3.26 -13.29 -18.74
N ALA A 495 -4.51 -13.12 -19.14
CA ALA A 495 -5.61 -13.80 -18.47
C ALA A 495 -5.38 -15.30 -18.33
N ARG A 496 -4.88 -15.92 -19.40
CA ARG A 496 -4.65 -17.36 -19.38
C ARG A 496 -3.50 -17.81 -18.49
N SER A 497 -2.37 -17.11 -18.53
CA SER A 497 -1.24 -17.49 -17.69
C SER A 497 -1.56 -17.31 -16.22
N VAL A 498 -2.34 -16.28 -15.91
CA VAL A 498 -2.73 -16.03 -14.54
C VAL A 498 -3.68 -17.13 -14.06
N GLN A 499 -4.55 -17.57 -14.96
CA GLN A 499 -5.50 -18.65 -14.65
C GLN A 499 -4.71 -19.90 -14.24
N ALA A 500 -3.65 -20.20 -14.98
CA ALA A 500 -2.82 -21.36 -14.67
C ALA A 500 -2.22 -21.24 -13.27
N LYS A 501 -1.75 -20.04 -12.93
CA LYS A 501 -1.16 -19.80 -11.62
C LYS A 501 -2.20 -20.03 -10.52
N GLY A 502 -3.41 -19.52 -10.74
CA GLY A 502 -4.46 -19.68 -9.75
C GLY A 502 -4.84 -21.14 -9.51
N LYS A 503 -4.91 -21.90 -10.59
CA LYS A 503 -5.26 -23.32 -10.51
C LYS A 503 -4.14 -24.03 -9.77
N TYR A 504 -2.90 -23.61 -10.03
CA TYR A 504 -1.72 -24.17 -9.40
C TYR A 504 -1.79 -23.92 -7.90
N VAL A 505 -2.18 -22.72 -7.51
CA VAL A 505 -2.29 -22.36 -6.10
C VAL A 505 -3.31 -23.24 -5.39
N LEU A 506 -4.49 -23.42 -6.00
CA LEU A 506 -5.51 -24.24 -5.39
C LEU A 506 -5.06 -25.69 -5.30
N ASP A 507 -4.42 -26.17 -6.35
CA ASP A 507 -3.96 -27.55 -6.39
C ASP A 507 -2.91 -27.88 -5.33
N LYS A 508 -2.00 -26.94 -5.09
CA LYS A 508 -0.93 -27.14 -4.11
C LYS A 508 -1.28 -26.57 -2.72
N GLN A 509 -2.49 -26.04 -2.59
CA GLN A 509 -2.95 -25.46 -1.34
C GLN A 509 -2.06 -24.32 -0.84
N LEU A 510 -1.73 -23.40 -1.75
CA LEU A 510 -0.90 -22.25 -1.40
C LEU A 510 -1.82 -21.15 -0.86
N GLY A 511 -1.24 -20.01 -0.50
CA GLY A 511 -2.04 -18.94 0.07
C GLY A 511 -2.90 -18.09 -0.85
N GLY A 512 -2.47 -17.92 -2.10
CA GLY A 512 -3.23 -17.12 -3.04
C GLY A 512 -2.34 -16.43 -4.06
N LEU A 513 -2.77 -15.25 -4.51
CA LEU A 513 -2.04 -14.50 -5.52
C LEU A 513 -1.92 -13.01 -5.19
N PHE A 514 -0.85 -12.38 -5.67
CA PHE A 514 -0.67 -10.93 -5.49
C PHE A 514 -0.06 -10.40 -6.78
N SER A 515 -0.13 -9.10 -6.98
CA SER A 515 0.39 -8.52 -8.22
C SER A 515 1.12 -7.20 -8.07
N TRP A 516 1.91 -6.88 -9.09
CA TRP A 516 2.65 -5.62 -9.18
C TRP A 516 2.47 -5.12 -10.62
N GLU A 517 1.94 -3.92 -10.84
CA GLU A 517 1.43 -3.00 -9.83
C GLU A 517 0.01 -2.63 -10.31
N ILE A 518 -0.91 -2.44 -9.37
CA ILE A 518 -2.32 -2.19 -9.68
C ILE A 518 -2.68 -1.20 -10.79
N ASP A 519 -1.95 -0.10 -10.89
CA ASP A 519 -2.23 0.92 -11.92
C ASP A 519 -2.01 0.48 -13.36
N ALA A 520 -1.18 -0.54 -13.56
CA ALA A 520 -0.83 -1.01 -14.90
C ALA A 520 -1.81 -1.94 -15.58
N ASP A 521 -2.75 -2.49 -14.81
CA ASP A 521 -3.75 -3.42 -15.32
C ASP A 521 -4.95 -2.69 -15.93
N ASN A 522 -5.67 -3.33 -16.85
CA ASN A 522 -6.86 -2.72 -17.44
C ASN A 522 -8.09 -3.45 -16.91
N GLY A 523 -7.84 -4.43 -16.06
CA GLY A 523 -8.92 -5.21 -15.48
C GLY A 523 -8.84 -6.70 -15.74
N ASP A 524 -8.24 -7.10 -16.88
CA ASP A 524 -8.12 -8.52 -17.23
C ASP A 524 -7.34 -9.37 -16.22
N ILE A 525 -6.21 -8.85 -15.73
CA ILE A 525 -5.37 -9.59 -14.79
C ILE A 525 -6.03 -9.87 -13.44
N LEU A 526 -6.55 -8.83 -12.79
CA LEU A 526 -7.20 -8.99 -11.51
C LEU A 526 -8.48 -9.82 -11.62
N ASN A 527 -9.22 -9.65 -12.72
CA ASN A 527 -10.43 -10.44 -12.91
C ASN A 527 -10.04 -11.93 -12.91
N SER A 528 -8.97 -12.24 -13.61
CA SER A 528 -8.49 -13.63 -13.70
C SER A 528 -7.95 -14.14 -12.37
N MET A 529 -7.26 -13.27 -11.63
CA MET A 529 -6.72 -13.65 -10.33
C MET A 529 -7.88 -14.11 -9.44
N ASN A 530 -8.96 -13.32 -9.45
CA ASN A 530 -10.15 -13.61 -8.65
C ASN A 530 -10.85 -14.88 -9.13
N ALA A 531 -11.17 -14.93 -10.41
CA ALA A 531 -11.86 -16.06 -10.99
C ALA A 531 -11.11 -17.38 -10.83
N SER A 532 -9.82 -17.38 -11.12
CA SER A 532 -9.02 -18.60 -11.02
C SER A 532 -8.84 -19.10 -9.59
N LEU A 533 -9.10 -18.26 -8.60
CA LEU A 533 -8.96 -18.69 -7.21
C LEU A 533 -10.28 -19.13 -6.59
N GLY A 534 -11.34 -19.12 -7.38
CA GLY A 534 -12.63 -19.56 -6.88
C GLY A 534 -13.62 -18.51 -6.42
N ASN A 535 -13.23 -17.23 -6.41
CA ASN A 535 -14.17 -16.20 -5.99
C ASN A 535 -15.33 -16.15 -6.98
N SER A 536 -16.55 -16.00 -6.47
CA SER A 536 -17.71 -15.94 -7.35
C SER A 536 -18.02 -14.51 -7.78
N ALA A 537 -18.53 -14.36 -8.99
CA ALA A 537 -18.87 -13.05 -9.54
C ALA A 537 -20.01 -12.42 -8.74
N GLY A 538 -20.26 -11.14 -9.00
CA GLY A 538 -21.31 -10.44 -8.30
C GLY A 538 -20.78 -9.62 -7.14
N VAL A 539 -21.36 -8.45 -6.91
CA VAL A 539 -20.93 -7.58 -5.83
C VAL A 539 -21.45 -8.11 -4.49
N GLN A 540 -20.66 -7.89 -3.43
CA GLN A 540 -21.05 -8.33 -2.09
C GLN A 540 -21.03 -7.15 -1.12
#